data_5VSE
#
_entry.id   5VSE
#
_cell.length_a   56.491
_cell.length_b   78.691
_cell.length_c   72.610
_cell.angle_alpha   90.000
_cell.angle_beta   91.350
_cell.angle_gamma   90.000
#
_symmetry.space_group_name_H-M   'P 1 21 1'
#
loop_
_entity.id
_entity.type
_entity.pdbx_description
1 polymer 'Histone-lysine N-methyltransferase EHMT2'
2 non-polymer 'ZINC ION'
3 non-polymer S-ADENOSYLMETHIONINE
4 non-polymer N~2~-cyclopentyl-6,7-dimethoxy-N~2~-methyl-N~4~-(1-methylpiperidin-4-yl)quinazoline-2,4-diamine
5 water water
#
_entity_poly.entity_id   1
_entity_poly.type   'polypeptide(L)'
_entity_poly.pdbx_seq_one_letter_code
;TRTEKIICRDVARGYENVPIPCVNGVDGEPCPEDYKYISENCETSTMNIDRNITHLQHCTCVDDCSSSNCLCGQLSIRCW
YDKDGRLLQEFNKIEPPLIFECNQACSCWRNCKNRVVQSGIKVRLQLYRTAKMGWGVRALQTIPQGTFICEYVGELISDA
EADVREDDSYLFDLDNKDGEVYCIDARYYGNISRFINHLCDPNIIPVRVFMLHQDLRFPRIAFFSSRDIRTGEELGFDYG
DRFWDIKSKYFTCQCGSEKCKHSAEAIALEQSRLA
;
_entity_poly.pdbx_strand_id   A,B
#
# COMPACT_ATOMS: atom_id res chain seq x y z
N GLU A 4 -5.60 15.29 -29.74
CA GLU A 4 -5.61 14.67 -31.07
C GLU A 4 -5.29 13.17 -30.96
N LYS A 5 -4.12 12.70 -31.41
CA LYS A 5 -3.81 11.29 -31.21
C LYS A 5 -2.94 11.03 -29.98
N ILE A 6 -3.23 9.88 -29.39
CA ILE A 6 -2.73 9.39 -28.12
C ILE A 6 -1.27 8.98 -28.25
N ILE A 7 -0.39 9.61 -27.46
CA ILE A 7 1.01 9.33 -27.73
C ILE A 7 1.47 8.26 -26.73
N CYS A 8 0.81 8.16 -25.57
CA CYS A 8 1.12 7.14 -24.56
C CYS A 8 -0.19 6.70 -23.92
N ARG A 9 -0.39 5.38 -23.83
CA ARG A 9 -1.64 4.87 -23.29
C ARG A 9 -1.77 5.06 -21.78
N ASP A 10 -0.66 5.06 -21.03
CA ASP A 10 -0.76 5.24 -19.59
C ASP A 10 0.58 5.75 -19.06
N VAL A 11 0.63 7.05 -18.72
CA VAL A 11 1.86 7.60 -18.16
C VAL A 11 2.16 7.01 -16.79
N ALA A 12 1.17 6.42 -16.13
CA ALA A 12 1.35 5.83 -14.81
C ALA A 12 1.84 4.39 -14.85
N ARG A 13 2.04 3.80 -16.05
CA ARG A 13 2.57 2.43 -16.17
C ARG A 13 1.74 1.43 -15.37
N GLY A 14 0.42 1.65 -15.30
CA GLY A 14 -0.47 0.76 -14.59
C GLY A 14 -0.49 0.88 -13.07
N TYR A 15 0.14 1.91 -12.50
CA TYR A 15 0.18 2.03 -11.04
C TYR A 15 -1.07 2.69 -10.45
N GLU A 16 -1.93 3.30 -11.26
CA GLU A 16 -3.16 3.89 -10.74
C GLU A 16 -4.36 2.97 -11.02
N ASN A 17 -5.53 3.32 -10.43
CA ASN A 17 -6.72 2.49 -10.65
C ASN A 17 -7.17 2.54 -12.09
N VAL A 18 -6.87 3.63 -12.79
CA VAL A 18 -7.30 3.85 -14.16
C VAL A 18 -6.08 4.31 -14.94
N PRO A 19 -6.03 4.11 -16.24
CA PRO A 19 -4.91 4.64 -17.03
C PRO A 19 -5.01 6.15 -17.18
N ILE A 20 -3.87 6.77 -17.39
CA ILE A 20 -3.81 8.22 -17.64
C ILE A 20 -3.09 8.42 -18.95
N PRO A 21 -3.81 8.53 -20.06
CA PRO A 21 -3.17 8.68 -21.37
C PRO A 21 -2.60 10.08 -21.60
N CYS A 22 -1.70 10.15 -22.59
CA CYS A 22 -1.06 11.39 -23.00
C CYS A 22 -1.36 11.65 -24.47
N VAL A 23 -1.79 12.87 -24.80
CA VAL A 23 -2.00 13.30 -26.17
C VAL A 23 -1.31 14.63 -26.41
N ASN A 24 -1.02 14.92 -27.68
CA ASN A 24 -0.44 16.21 -28.06
C ASN A 24 -1.01 16.59 -29.42
N GLY A 25 -1.87 17.60 -29.43
CA GLY A 25 -2.37 18.12 -30.69
C GLY A 25 -1.94 19.55 -30.94
N VAL A 26 -0.86 19.98 -30.29
CA VAL A 26 -0.41 21.37 -30.34
C VAL A 26 0.94 21.50 -31.04
N ASP A 27 1.91 20.67 -30.66
CA ASP A 27 3.26 20.83 -31.19
C ASP A 27 3.92 19.47 -31.33
N GLY A 28 5.23 19.47 -31.55
CA GLY A 28 5.94 18.24 -31.77
C GLY A 28 6.59 17.63 -30.55
N GLU A 29 6.23 18.06 -29.34
CA GLU A 29 6.90 17.58 -28.15
C GLU A 29 6.44 16.15 -27.82
N PRO A 30 7.37 15.21 -27.66
CA PRO A 30 6.97 13.85 -27.27
C PRO A 30 6.56 13.77 -25.80
N CYS A 31 6.00 12.62 -25.45
CA CYS A 31 5.53 12.38 -24.09
C CYS A 31 6.67 12.61 -23.10
N PRO A 32 6.44 13.40 -22.03
CA PRO A 32 7.53 13.71 -21.09
C PRO A 32 8.10 12.47 -20.44
N GLU A 33 9.40 12.43 -20.39
CA GLU A 33 10.08 11.22 -20.00
C GLU A 33 11.32 11.48 -19.16
N ASP A 34 11.48 12.72 -18.66
CA ASP A 34 12.56 13.23 -17.82
C ASP A 34 12.22 13.23 -16.34
N TYR A 35 11.48 12.24 -15.88
CA TYR A 35 11.10 12.09 -14.48
C TYR A 35 10.71 10.63 -14.31
N LYS A 36 10.60 10.21 -13.06
CA LYS A 36 10.16 8.87 -12.72
C LYS A 36 8.74 8.94 -12.17
N TYR A 37 7.79 8.30 -12.86
CA TYR A 37 6.43 8.27 -12.33
C TYR A 37 6.38 7.35 -11.11
N ILE A 38 5.87 7.89 -10.01
CA ILE A 38 5.61 7.10 -8.81
C ILE A 38 4.20 7.42 -8.34
N SER A 39 3.50 6.41 -7.82
CA SER A 39 2.12 6.62 -7.39
C SER A 39 1.98 6.97 -5.91
N GLU A 40 3.03 6.74 -5.10
CA GLU A 40 3.06 7.12 -3.69
C GLU A 40 4.35 7.88 -3.39
N ASN A 41 4.30 8.73 -2.35
CA ASN A 41 5.48 9.52 -2.02
C ASN A 41 6.69 8.64 -1.72
N CYS A 42 7.88 9.11 -2.12
CA CYS A 42 9.11 8.41 -1.85
C CYS A 42 10.00 9.23 -0.93
N GLU A 43 11.02 8.56 -0.38
CA GLU A 43 12.05 9.18 0.45
C GLU A 43 13.42 8.98 -0.18
N THR A 44 14.28 9.98 -0.07
CA THR A 44 15.66 9.90 -0.51
C THR A 44 16.66 10.18 0.62
N SER A 45 16.19 10.28 1.85
CA SER A 45 17.06 10.45 3.01
C SER A 45 16.30 9.91 4.22
N THR A 46 16.97 9.88 5.38
CA THR A 46 16.31 9.34 6.57
C THR A 46 15.24 10.32 7.05
N MET A 47 13.97 9.94 6.95
CA MET A 47 12.87 10.76 7.43
C MET A 47 12.17 10.24 8.68
N ASN A 48 12.22 8.92 8.91
CA ASN A 48 11.58 8.26 10.05
C ASN A 48 10.15 8.73 10.28
N ILE A 49 9.32 8.60 9.24
CA ILE A 49 7.90 8.83 9.42
C ILE A 49 7.40 7.91 10.52
N ASP A 50 6.60 8.46 11.42
CA ASP A 50 6.14 7.68 12.57
C ASP A 50 5.04 6.74 12.09
N ARG A 51 5.36 5.45 11.99
CA ARG A 51 4.43 4.42 11.53
C ARG A 51 3.98 3.51 12.66
N ASN A 52 4.23 3.89 13.91
CA ASN A 52 3.83 3.08 15.06
C ASN A 52 2.31 2.97 15.08
N ILE A 53 1.78 1.74 14.92
CA ILE A 53 0.34 1.55 14.83
C ILE A 53 -0.36 2.02 16.12
N THR A 54 0.34 1.96 17.25
CA THR A 54 -0.27 2.38 18.50
C THR A 54 -0.36 3.90 18.63
N HIS A 55 0.28 4.64 17.73
CA HIS A 55 0.17 6.09 17.72
C HIS A 55 -0.98 6.59 16.86
N LEU A 56 -1.72 5.69 16.24
CA LEU A 56 -2.85 6.10 15.41
C LEU A 56 -4.07 6.37 16.28
N GLN A 57 -4.65 7.55 16.12
CA GLN A 57 -6.02 7.75 16.57
C GLN A 57 -6.93 7.01 15.63
N HIS A 58 -7.95 6.37 16.18
CA HIS A 58 -8.76 5.47 15.38
C HIS A 58 -10.15 5.37 16.00
N CYS A 59 -11.10 4.93 15.18
CA CYS A 59 -12.50 4.80 15.58
C CYS A 59 -12.84 3.37 15.98
N THR A 60 -13.95 3.24 16.71
CA THR A 60 -14.49 1.95 17.13
C THR A 60 -15.80 1.59 16.42
N CYS A 61 -16.10 2.27 15.31
CA CYS A 61 -17.33 2.07 14.58
C CYS A 61 -17.44 0.62 14.09
N VAL A 62 -18.65 0.06 14.19
CA VAL A 62 -18.95 -1.21 13.53
C VAL A 62 -19.95 -1.03 12.41
N ASP A 63 -20.26 0.21 12.04
CA ASP A 63 -21.07 0.50 10.86
C ASP A 63 -20.15 0.99 9.75
N ASP A 64 -20.67 1.81 8.84
CA ASP A 64 -19.89 2.30 7.71
C ASP A 64 -19.22 3.65 7.97
N CYS A 65 -19.11 4.04 9.24
CA CYS A 65 -18.51 5.31 9.66
C CYS A 65 -19.26 6.50 9.07
N SER A 66 -20.57 6.38 8.90
CA SER A 66 -21.38 7.52 8.49
C SER A 66 -22.01 8.27 9.66
N SER A 67 -21.84 7.79 10.88
CA SER A 67 -22.41 8.47 12.04
C SER A 67 -21.47 9.55 12.57
N SER A 68 -22.05 10.50 13.30
CA SER A 68 -21.26 11.57 13.89
C SER A 68 -20.37 11.12 15.04
N ASN A 69 -20.53 9.88 15.53
CA ASN A 69 -19.70 9.37 16.61
C ASN A 69 -18.44 8.70 16.11
N CYS A 70 -18.18 8.74 14.81
CA CYS A 70 -16.91 8.26 14.30
C CYS A 70 -15.80 9.19 14.80
N LEU A 71 -14.90 8.65 15.61
CA LEU A 71 -13.81 9.45 16.16
C LEU A 71 -12.99 10.06 15.03
N CYS A 72 -12.75 9.30 13.97
CA CYS A 72 -11.94 9.82 12.86
C CYS A 72 -12.62 11.00 12.20
N GLY A 73 -13.95 10.95 12.07
CA GLY A 73 -14.67 12.12 11.60
C GLY A 73 -14.55 13.29 12.57
N GLN A 74 -14.60 13.00 13.88
CA GLN A 74 -14.48 14.07 14.87
C GLN A 74 -13.11 14.73 14.84
N LEU A 75 -12.04 13.97 14.54
CA LEU A 75 -10.72 14.57 14.41
C LEU A 75 -10.67 15.58 13.28
N SER A 76 -11.49 15.38 12.25
CA SER A 76 -11.63 16.30 11.13
C SER A 76 -12.74 17.32 11.39
N ILE A 77 -13.07 17.57 12.67
CA ILE A 77 -14.23 18.33 13.14
C ILE A 77 -15.49 17.50 12.89
N ARG A 78 -15.70 17.09 11.65
CA ARG A 78 -16.74 16.16 11.24
C ARG A 78 -16.24 15.48 9.99
N CYS A 79 -16.75 14.28 9.70
CA CYS A 79 -16.41 13.67 8.41
C CYS A 79 -16.94 14.56 7.30
N TRP A 80 -16.06 14.96 6.41
CA TRP A 80 -16.44 15.90 5.37
C TRP A 80 -16.88 15.21 4.10
N TYR A 81 -16.97 13.88 4.10
CA TYR A 81 -17.39 13.13 2.93
C TYR A 81 -18.87 12.79 3.04
N ASP A 82 -19.61 12.99 1.95
CA ASP A 82 -21.00 12.57 1.85
C ASP A 82 -21.04 11.09 1.47
N LYS A 83 -22.25 10.56 1.24
CA LYS A 83 -22.40 9.14 0.97
C LYS A 83 -21.67 8.71 -0.31
N ASP A 84 -21.43 9.63 -1.24
CA ASP A 84 -20.75 9.33 -2.50
C ASP A 84 -19.27 9.69 -2.48
N GLY A 85 -18.72 10.01 -1.30
CA GLY A 85 -17.31 10.30 -1.19
C GLY A 85 -16.89 11.69 -1.61
N ARG A 86 -17.81 12.64 -1.66
CA ARG A 86 -17.50 14.00 -2.04
C ARG A 86 -17.54 14.91 -0.82
N LEU A 87 -16.72 15.94 -0.86
CA LEU A 87 -16.66 16.86 0.26
C LEU A 87 -18.00 17.50 0.52
N LEU A 88 -18.25 17.71 1.81
CA LEU A 88 -19.46 18.41 2.18
C LEU A 88 -19.52 19.77 1.54
N GLN A 89 -20.76 20.19 1.32
CA GLN A 89 -21.02 21.33 0.49
C GLN A 89 -20.67 22.60 1.30
N GLU A 90 -20.74 22.57 2.67
CA GLU A 90 -20.19 23.56 3.64
C GLU A 90 -18.69 23.38 3.95
N PHE A 91 -17.97 22.48 3.27
CA PHE A 91 -16.53 22.33 3.47
C PHE A 91 -15.82 23.67 3.26
N ASN A 92 -14.93 24.02 4.18
CA ASN A 92 -14.20 25.28 4.07
C ASN A 92 -13.17 25.15 2.96
N LYS A 93 -13.51 25.63 1.77
CA LYS A 93 -12.58 25.55 0.65
C LYS A 93 -11.49 26.61 0.72
N ILE A 94 -11.75 27.73 1.39
CA ILE A 94 -10.74 28.77 1.54
C ILE A 94 -9.63 28.30 2.46
N GLU A 95 -9.97 27.85 3.66
CA GLU A 95 -9.04 27.33 4.65
C GLU A 95 -9.46 25.91 5.03
N PRO A 96 -9.03 24.91 4.27
CA PRO A 96 -9.50 23.53 4.52
C PRO A 96 -8.99 23.00 5.85
N PRO A 97 -9.79 22.22 6.56
CA PRO A 97 -9.30 21.54 7.76
C PRO A 97 -8.44 20.33 7.38
N LEU A 98 -7.71 19.83 8.38
CA LEU A 98 -7.04 18.55 8.22
C LEU A 98 -8.07 17.42 8.22
N ILE A 99 -7.94 16.50 7.28
CA ILE A 99 -8.81 15.32 7.21
C ILE A 99 -8.08 14.12 7.77
N PHE A 100 -8.71 13.39 8.72
CA PHE A 100 -8.18 12.14 9.23
C PHE A 100 -9.07 11.02 8.73
N GLU A 101 -8.58 10.25 7.74
CA GLU A 101 -9.31 9.10 7.27
C GLU A 101 -9.10 7.91 8.21
N CYS A 102 -9.98 6.92 8.04
CA CYS A 102 -9.85 5.69 8.81
C CYS A 102 -8.62 4.92 8.37
N ASN A 103 -8.15 4.04 9.25
CA ASN A 103 -6.85 3.43 9.06
C ASN A 103 -6.90 1.99 9.57
N GLN A 104 -5.74 1.33 9.55
CA GLN A 104 -5.63 -0.08 9.91
C GLN A 104 -5.86 -0.33 11.39
N ALA A 105 -5.87 0.71 12.23
CA ALA A 105 -6.20 0.53 13.64
C ALA A 105 -7.69 0.67 13.94
N CYS A 106 -8.47 1.26 13.04
CA CYS A 106 -9.91 1.37 13.23
C CYS A 106 -10.56 0.01 13.18
N SER A 107 -11.69 -0.13 13.88
CA SER A 107 -12.41 -1.40 13.86
C SER A 107 -13.32 -1.53 12.64
N CYS A 108 -13.47 -0.48 11.83
CA CYS A 108 -14.37 -0.50 10.70
C CYS A 108 -13.78 -1.29 9.54
N TRP A 109 -14.59 -1.47 8.50
CA TRP A 109 -14.17 -2.20 7.31
C TRP A 109 -13.49 -1.27 6.30
N ARG A 110 -12.74 -1.89 5.40
CA ARG A 110 -11.96 -1.15 4.42
C ARG A 110 -12.85 -0.37 3.45
N ASN A 111 -14.13 -0.70 3.37
CA ASN A 111 -15.05 0.00 2.48
C ASN A 111 -15.90 1.04 3.21
N CYS A 112 -15.45 1.52 4.38
CA CYS A 112 -16.25 2.49 5.11
C CYS A 112 -16.24 3.84 4.36
N LYS A 113 -17.06 4.76 4.86
CA LYS A 113 -17.27 6.03 4.15
C LYS A 113 -16.15 7.05 4.40
N ASN A 114 -15.14 6.72 5.20
CA ASN A 114 -14.10 7.69 5.52
C ASN A 114 -12.77 7.22 4.95
N ARG A 115 -12.73 6.82 3.68
CA ARG A 115 -11.49 6.32 3.07
C ARG A 115 -11.34 6.77 1.62
N VAL A 116 -11.78 7.99 1.31
CA VAL A 116 -11.85 8.43 -0.08
C VAL A 116 -10.45 8.50 -0.69
N VAL A 117 -9.54 9.24 -0.05
CA VAL A 117 -8.24 9.52 -0.65
C VAL A 117 -7.40 8.24 -0.73
N GLN A 118 -7.48 7.38 0.30
CA GLN A 118 -6.66 6.18 0.28
C GLN A 118 -7.11 5.20 -0.78
N SER A 119 -8.30 5.39 -1.37
CA SER A 119 -8.79 4.51 -2.40
C SER A 119 -8.34 4.91 -3.80
N GLY A 120 -7.69 6.05 -3.95
CA GLY A 120 -7.02 6.37 -5.20
C GLY A 120 -7.87 7.06 -6.24
N ILE A 121 -7.27 7.16 -7.42
CA ILE A 121 -7.89 7.93 -8.50
C ILE A 121 -9.08 7.16 -9.06
N LYS A 122 -10.19 7.86 -9.25
CA LYS A 122 -11.39 7.29 -9.84
C LYS A 122 -11.85 8.01 -11.11
N VAL A 123 -11.51 9.29 -11.28
CA VAL A 123 -11.91 10.04 -12.47
C VAL A 123 -10.94 9.79 -13.61
N ARG A 124 -11.43 9.98 -14.83
CA ARG A 124 -10.60 9.84 -16.03
C ARG A 124 -9.93 11.17 -16.33
N LEU A 125 -8.61 11.18 -16.26
CA LEU A 125 -7.77 12.35 -16.50
C LEU A 125 -6.95 12.12 -17.76
N GLN A 126 -6.40 13.21 -18.29
CA GLN A 126 -5.57 13.08 -19.48
C GLN A 126 -4.44 14.09 -19.42
N LEU A 127 -3.23 13.64 -19.70
CA LEU A 127 -2.10 14.54 -19.88
C LEU A 127 -2.13 15.02 -21.32
N TYR A 128 -2.11 16.35 -21.50
CA TYR A 128 -2.24 16.91 -22.84
C TYR A 128 -1.37 18.15 -22.98
N ARG A 129 -1.10 18.51 -24.22
CA ARG A 129 -0.27 19.66 -24.53
C ARG A 129 -1.14 20.91 -24.58
N THR A 130 -0.86 21.88 -23.71
CA THR A 130 -1.61 23.12 -23.73
C THR A 130 -1.05 24.05 -24.78
N ALA A 131 -1.80 25.13 -25.04
CA ALA A 131 -1.38 26.10 -26.04
C ALA A 131 -0.18 26.91 -25.58
N LYS A 132 -0.12 27.25 -24.29
CA LYS A 132 0.86 28.21 -23.80
C LYS A 132 1.58 27.82 -22.52
N MET A 133 1.18 26.73 -21.87
CA MET A 133 1.73 26.38 -20.56
C MET A 133 2.42 25.02 -20.55
N GLY A 134 2.88 24.53 -21.70
CA GLY A 134 3.52 23.22 -21.72
C GLY A 134 2.48 22.13 -21.54
N TRP A 135 2.85 21.09 -20.79
CA TRP A 135 1.91 20.03 -20.51
C TRP A 135 0.92 20.49 -19.44
N GLY A 136 -0.29 19.94 -19.51
CA GLY A 136 -1.30 20.14 -18.49
C GLY A 136 -2.14 18.90 -18.33
N VAL A 137 -3.08 18.95 -17.40
CA VAL A 137 -3.96 17.83 -17.12
C VAL A 137 -5.40 18.31 -17.25
N ARG A 138 -6.23 17.55 -17.96
CA ARG A 138 -7.63 17.90 -18.09
C ARG A 138 -8.52 16.70 -17.79
N ALA A 139 -9.79 17.00 -17.50
CA ALA A 139 -10.77 15.96 -17.22
C ALA A 139 -11.36 15.41 -18.52
N LEU A 140 -11.55 14.09 -18.55
CA LEU A 140 -12.24 13.41 -19.64
C LEU A 140 -13.68 13.09 -19.28
N GLN A 141 -14.20 13.74 -18.24
CA GLN A 141 -15.55 13.48 -17.74
C GLN A 141 -15.99 14.70 -16.95
N THR A 142 -17.30 14.82 -16.75
CA THR A 142 -17.79 15.81 -15.80
C THR A 142 -17.40 15.36 -14.40
N ILE A 143 -16.97 16.31 -13.58
CA ILE A 143 -16.56 16.00 -12.22
C ILE A 143 -17.37 16.90 -11.29
N PRO A 144 -18.27 16.35 -10.48
CA PRO A 144 -19.03 17.20 -9.56
C PRO A 144 -18.11 17.84 -8.54
N GLN A 145 -18.56 19.00 -8.03
CA GLN A 145 -17.83 19.70 -6.98
C GLN A 145 -17.62 18.79 -5.77
N GLY A 146 -16.44 18.88 -5.17
CA GLY A 146 -16.14 18.09 -3.98
C GLY A 146 -15.57 16.72 -4.24
N THR A 147 -15.27 16.37 -5.48
CA THR A 147 -14.78 15.05 -5.84
C THR A 147 -13.25 14.98 -5.69
N PHE A 148 -12.78 13.89 -5.10
CA PHE A 148 -11.34 13.65 -5.05
C PHE A 148 -10.81 13.40 -6.46
N ILE A 149 -9.74 14.11 -6.83
CA ILE A 149 -9.15 14.03 -8.15
C ILE A 149 -7.90 13.18 -8.13
N CYS A 150 -6.89 13.64 -7.40
CA CYS A 150 -5.59 12.97 -7.35
C CYS A 150 -4.78 13.59 -6.23
N GLU A 151 -3.71 12.90 -5.85
CA GLU A 151 -2.82 13.32 -4.78
C GLU A 151 -1.57 13.98 -5.37
N TYR A 152 -1.05 15.00 -4.68
CA TYR A 152 0.25 15.57 -5.08
C TYR A 152 1.33 14.66 -4.53
N VAL A 153 1.93 13.87 -5.40
CA VAL A 153 2.89 12.83 -5.02
C VAL A 153 4.28 13.21 -5.53
N GLY A 154 5.28 12.98 -4.67
CA GLY A 154 6.66 13.21 -5.08
C GLY A 154 7.65 12.77 -4.03
N GLU A 155 8.81 13.42 -4.05
CA GLU A 155 9.91 13.11 -3.14
C GLU A 155 9.79 13.98 -1.89
N LEU A 156 9.68 13.35 -0.72
CA LEU A 156 9.66 14.10 0.53
C LEU A 156 11.05 14.63 0.85
N ILE A 157 11.16 15.95 1.07
CA ILE A 157 12.46 16.55 1.40
C ILE A 157 12.29 17.56 2.53
N SER A 158 13.38 17.78 3.25
CA SER A 158 13.42 18.78 4.31
C SER A 158 13.43 20.18 3.70
N ASP A 159 13.07 21.17 4.54
CA ASP A 159 13.17 22.56 4.10
C ASP A 159 14.61 22.94 3.80
N ALA A 160 15.56 22.41 4.56
CA ALA A 160 16.98 22.68 4.29
C ALA A 160 17.38 22.10 2.94
N GLU A 161 16.85 20.94 2.58
CA GLU A 161 17.13 20.36 1.27
C GLU A 161 16.49 21.18 0.16
N ALA A 162 15.23 21.58 0.35
CA ALA A 162 14.58 22.45 -0.62
C ALA A 162 15.35 23.74 -0.85
N ASP A 163 16.02 24.26 0.18
CA ASP A 163 16.76 25.52 0.05
C ASP A 163 17.94 25.43 -0.92
N VAL A 164 18.44 24.23 -1.21
CA VAL A 164 19.54 24.07 -2.14
C VAL A 164 19.10 23.38 -3.43
N ARG A 165 17.81 23.13 -3.59
CA ARG A 165 17.32 22.52 -4.82
C ARG A 165 17.35 23.55 -5.95
N GLU A 166 17.99 23.19 -7.06
CA GLU A 166 18.13 24.15 -8.15
C GLU A 166 16.81 24.35 -8.89
N ASP A 167 16.09 23.28 -9.21
CA ASP A 167 14.82 23.37 -9.93
C ASP A 167 13.68 23.33 -8.93
N ASP A 168 13.05 24.49 -8.70
CA ASP A 168 11.95 24.59 -7.75
C ASP A 168 10.60 24.75 -8.45
N SER A 169 10.51 24.25 -9.69
CA SER A 169 9.26 24.37 -10.46
C SER A 169 8.20 23.36 -10.06
N TYR A 170 8.57 22.31 -9.32
CA TYR A 170 7.67 21.24 -8.93
C TYR A 170 7.74 21.02 -7.43
N LEU A 171 7.59 22.10 -6.65
CA LEU A 171 7.66 22.04 -5.19
C LEU A 171 6.32 22.39 -4.57
N PHE A 172 5.91 21.61 -3.57
CA PHE A 172 4.72 21.90 -2.77
C PHE A 172 5.12 21.93 -1.30
N ASP A 173 4.95 23.08 -0.64
CA ASP A 173 5.31 23.23 0.77
C ASP A 173 4.27 22.55 1.65
N LEU A 174 4.72 21.79 2.66
CA LEU A 174 3.76 21.16 3.56
C LEU A 174 3.45 21.99 4.80
N ASP A 175 4.46 22.61 5.42
CA ASP A 175 4.28 23.55 6.53
C ASP A 175 3.72 22.93 7.80
N ASN A 176 3.98 23.59 8.93
CA ASN A 176 3.41 23.21 10.22
C ASN A 176 3.57 24.34 11.23
N GLU A 180 11.16 22.67 11.15
CA GLU A 180 10.26 21.54 11.23
C GLU A 180 9.24 21.55 10.10
N VAL A 181 9.65 22.04 8.94
CA VAL A 181 8.77 22.14 7.77
C VAL A 181 9.37 21.32 6.64
N TYR A 182 8.51 20.66 5.87
CA TYR A 182 8.94 19.76 4.81
C TYR A 182 8.27 20.14 3.50
N CYS A 183 8.71 19.50 2.41
CA CYS A 183 8.25 19.79 1.07
C CYS A 183 8.10 18.49 0.29
N ILE A 184 7.20 18.49 -0.69
CA ILE A 184 7.15 17.46 -1.71
C ILE A 184 7.76 18.03 -2.97
N ASP A 185 8.85 17.42 -3.44
CA ASP A 185 9.49 17.84 -4.70
C ASP A 185 9.10 16.80 -5.76
N ALA A 186 8.32 17.22 -6.75
CA ALA A 186 7.91 16.31 -7.82
C ALA A 186 8.76 16.44 -9.08
N ARG A 187 9.92 17.09 -8.99
CA ARG A 187 10.74 17.30 -10.19
C ARG A 187 11.30 15.98 -10.72
N TYR A 188 11.86 15.15 -9.83
CA TYR A 188 12.53 13.95 -10.29
C TYR A 188 11.67 12.71 -10.14
N TYR A 189 10.84 12.68 -9.10
CA TYR A 189 9.88 11.63 -8.84
C TYR A 189 8.52 12.29 -8.62
N GLY A 190 7.51 11.86 -9.37
CA GLY A 190 6.20 12.47 -9.19
C GLY A 190 5.12 11.66 -9.88
N ASN A 191 3.86 12.03 -9.59
CA ASN A 191 2.72 11.42 -10.27
C ASN A 191 2.08 12.44 -11.22
N ILE A 192 0.83 12.17 -11.61
CA ILE A 192 0.15 13.02 -12.60
C ILE A 192 0.03 14.47 -12.12
N SER A 193 0.02 14.70 -10.81
CA SER A 193 -0.17 16.06 -10.30
C SER A 193 0.97 17.00 -10.66
N ARG A 194 2.16 16.46 -10.96
CA ARG A 194 3.28 17.33 -11.30
C ARG A 194 3.02 18.09 -12.58
N PHE A 195 2.02 17.67 -13.35
CA PHE A 195 1.72 18.29 -14.63
C PHE A 195 0.54 19.26 -14.54
N ILE A 196 -0.04 19.44 -13.35
CA ILE A 196 -1.16 20.36 -13.18
C ILE A 196 -0.63 21.79 -13.13
N ASN A 197 -1.21 22.66 -13.98
CA ASN A 197 -0.76 24.04 -14.09
C ASN A 197 -1.45 24.92 -13.07
N HIS A 198 -0.93 26.14 -12.95
CA HIS A 198 -1.50 27.17 -12.09
C HIS A 198 -2.64 27.86 -12.82
N LEU A 199 -3.74 28.08 -12.10
CA LEU A 199 -4.85 28.89 -12.59
C LEU A 199 -5.18 29.94 -11.54
N CYS A 200 -5.32 31.19 -11.98
CA CYS A 200 -5.75 32.25 -11.07
C CYS A 200 -7.21 32.11 -10.69
N ASP A 201 -7.99 31.40 -11.50
CA ASP A 201 -9.36 31.01 -11.19
C ASP A 201 -9.40 29.49 -11.09
N PRO A 202 -8.87 28.92 -10.00
CA PRO A 202 -8.64 27.47 -9.96
C PRO A 202 -9.94 26.69 -9.82
N ASN A 203 -9.87 25.40 -10.18
CA ASN A 203 -11.03 24.53 -10.00
C ASN A 203 -10.75 23.34 -9.09
N ILE A 204 -9.54 23.20 -8.55
CA ILE A 204 -9.24 22.19 -7.54
C ILE A 204 -8.55 22.87 -6.37
N ILE A 205 -8.68 22.29 -5.18
CA ILE A 205 -8.03 22.81 -3.99
C ILE A 205 -7.24 21.70 -3.30
N PRO A 206 -6.06 21.99 -2.78
CA PRO A 206 -5.31 21.00 -2.00
C PRO A 206 -5.84 20.92 -0.57
N VAL A 207 -5.93 19.69 -0.08
CA VAL A 207 -6.38 19.41 1.28
C VAL A 207 -5.37 18.48 1.92
N ARG A 208 -5.01 18.78 3.17
CA ARG A 208 -4.07 17.95 3.92
C ARG A 208 -4.81 16.76 4.52
N VAL A 209 -4.30 15.56 4.28
CA VAL A 209 -4.98 14.33 4.68
C VAL A 209 -4.01 13.40 5.38
N PHE A 210 -4.51 12.68 6.39
CA PHE A 210 -3.77 11.62 7.04
C PHE A 210 -4.52 10.31 6.87
N MET A 211 -3.77 9.26 6.54
CA MET A 211 -4.34 7.95 6.29
C MET A 211 -3.64 6.89 7.12
N LEU A 212 -2.58 6.25 6.60
CA LEU A 212 -1.96 5.11 7.27
C LEU A 212 -1.05 5.52 8.41
N HIS A 213 -0.64 6.78 8.47
CA HIS A 213 0.13 7.32 9.58
C HIS A 213 -0.44 8.68 9.94
N GLN A 214 -0.10 9.17 11.13
CA GLN A 214 -0.56 10.49 11.53
C GLN A 214 0.61 11.34 12.01
N ASP A 215 1.73 11.21 11.30
CA ASP A 215 2.91 12.03 11.52
C ASP A 215 2.63 13.41 10.93
N LEU A 216 2.41 14.41 11.79
CA LEU A 216 1.94 15.72 11.34
C LEU A 216 2.96 16.47 10.49
N ARG A 217 4.22 16.04 10.45
CA ARG A 217 5.18 16.65 9.53
C ARG A 217 4.84 16.32 8.08
N PHE A 218 4.10 15.24 7.85
CA PHE A 218 3.91 14.70 6.49
C PHE A 218 2.44 14.48 6.17
N PRO A 219 1.64 15.55 6.11
CA PRO A 219 0.32 15.40 5.51
C PRO A 219 0.49 14.99 4.06
N ARG A 220 -0.49 14.26 3.56
CA ARG A 220 -0.56 13.96 2.14
C ARG A 220 -1.52 14.94 1.50
N ILE A 221 -1.20 15.38 0.28
CA ILE A 221 -1.89 16.50 -0.33
C ILE A 221 -2.89 15.93 -1.34
N ALA A 222 -4.17 16.09 -1.06
CA ALA A 222 -5.24 15.60 -1.91
C ALA A 222 -5.92 16.77 -2.61
N PHE A 223 -6.05 16.69 -3.94
CA PHE A 223 -6.81 17.67 -4.69
C PHE A 223 -8.27 17.25 -4.81
N PHE A 224 -9.17 18.15 -4.42
CA PHE A 224 -10.60 18.00 -4.61
C PHE A 224 -11.08 19.11 -5.53
N SER A 225 -12.09 18.81 -6.36
CA SER A 225 -12.67 19.84 -7.19
C SER A 225 -13.38 20.87 -6.32
N SER A 226 -13.17 22.16 -6.64
CA SER A 226 -13.82 23.23 -5.90
C SER A 226 -15.13 23.66 -6.53
N ARG A 227 -15.44 23.13 -7.71
CA ARG A 227 -16.69 23.42 -8.40
C ARG A 227 -16.95 22.26 -9.35
N ASP A 228 -18.12 22.26 -9.96
CA ASP A 228 -18.38 21.31 -11.03
C ASP A 228 -17.39 21.55 -12.17
N ILE A 229 -16.78 20.48 -12.66
CA ILE A 229 -15.79 20.58 -13.74
C ILE A 229 -16.38 19.93 -14.99
N ARG A 230 -16.29 20.63 -16.11
CA ARG A 230 -16.82 20.12 -17.37
C ARG A 230 -15.80 19.23 -18.08
N THR A 231 -16.32 18.29 -18.88
CA THR A 231 -15.45 17.44 -19.69
C THR A 231 -14.55 18.29 -20.57
N GLY A 232 -13.27 17.92 -20.63
CA GLY A 232 -12.28 18.63 -21.41
C GLY A 232 -11.64 19.81 -20.70
N GLU A 233 -12.15 20.20 -19.53
CA GLU A 233 -11.65 21.38 -18.85
C GLU A 233 -10.29 21.10 -18.20
N GLU A 234 -9.35 22.03 -18.36
CA GLU A 234 -8.06 21.88 -17.71
C GLU A 234 -8.19 22.06 -16.20
N LEU A 235 -7.55 21.15 -15.44
CA LEU A 235 -7.43 21.26 -13.99
C LEU A 235 -6.33 22.24 -13.61
N GLY A 236 -6.54 22.98 -12.52
CA GLY A 236 -5.51 23.88 -12.03
C GLY A 236 -5.79 24.31 -10.62
N PHE A 237 -4.72 24.52 -9.86
CA PHE A 237 -4.82 25.06 -8.52
C PHE A 237 -3.98 26.32 -8.40
N ASP A 238 -4.16 27.02 -7.29
CA ASP A 238 -3.41 28.25 -7.04
C ASP A 238 -2.07 27.86 -6.44
N TYR A 239 -0.98 28.06 -7.21
CA TYR A 239 0.34 27.69 -6.70
C TYR A 239 0.75 28.52 -5.49
N GLY A 240 0.18 29.71 -5.33
CA GLY A 240 0.46 30.56 -4.19
C GLY A 240 1.52 31.60 -4.49
N ASP A 241 1.66 32.53 -3.54
CA ASP A 241 2.49 33.70 -3.79
C ASP A 241 3.99 33.40 -3.67
N ARG A 242 4.38 32.41 -2.88
CA ARG A 242 5.79 32.04 -2.81
C ARG A 242 6.31 31.63 -4.18
N PHE A 243 5.54 30.79 -4.89
CA PHE A 243 5.93 30.40 -6.25
C PHE A 243 6.06 31.63 -7.16
N TRP A 244 5.03 32.49 -7.18
CA TRP A 244 5.02 33.58 -8.14
C TRP A 244 5.96 34.71 -7.76
N ASP A 245 6.23 34.90 -6.45
CA ASP A 245 7.27 35.85 -6.06
C ASP A 245 8.61 35.46 -6.65
N ILE A 246 8.86 34.15 -6.77
CA ILE A 246 10.13 33.69 -7.31
C ILE A 246 10.13 33.67 -8.83
N LYS A 247 9.05 33.17 -9.43
CA LYS A 247 9.06 32.87 -10.87
C LYS A 247 8.64 34.03 -11.76
N SER A 248 7.94 35.05 -11.24
CA SER A 248 7.44 36.11 -12.11
C SER A 248 8.57 36.85 -12.84
N LYS A 249 9.77 36.90 -12.23
CA LYS A 249 10.93 37.46 -12.90
C LYS A 249 11.30 36.66 -14.15
N TYR A 250 10.94 35.38 -14.21
CA TYR A 250 11.35 34.52 -15.31
C TYR A 250 10.26 34.30 -16.35
N PHE A 251 9.00 34.24 -15.93
CA PHE A 251 7.87 34.15 -16.86
C PHE A 251 6.63 34.64 -16.13
N THR A 252 5.59 34.91 -16.89
CA THR A 252 4.35 35.40 -16.32
C THR A 252 3.20 34.45 -16.60
N CYS A 253 2.10 34.66 -15.88
CA CYS A 253 0.97 33.76 -15.94
C CYS A 253 0.26 33.85 -17.28
N GLN A 254 -0.09 32.68 -17.83
CA GLN A 254 -0.83 32.60 -19.09
C GLN A 254 -2.21 32.00 -18.91
N CYS A 255 -2.76 32.03 -17.68
CA CYS A 255 -4.04 31.38 -17.45
C CYS A 255 -5.16 32.03 -18.24
N GLY A 256 -5.02 33.32 -18.55
CA GLY A 256 -5.96 34.02 -19.41
C GLY A 256 -7.23 34.47 -18.73
N SER A 257 -7.37 34.25 -17.44
CA SER A 257 -8.58 34.66 -16.74
C SER A 257 -8.62 36.17 -16.57
N GLU A 258 -9.83 36.72 -16.51
CA GLU A 258 -9.94 38.13 -16.18
C GLU A 258 -9.57 38.41 -14.73
N LYS A 259 -9.53 37.38 -13.88
CA LYS A 259 -9.06 37.51 -12.51
C LYS A 259 -7.56 37.29 -12.37
N CYS A 260 -6.82 37.19 -13.48
CA CYS A 260 -5.43 36.72 -13.38
C CYS A 260 -4.60 37.76 -12.65
N LYS A 261 -3.88 37.34 -11.60
CA LYS A 261 -3.10 38.36 -10.91
C LYS A 261 -1.59 38.22 -11.13
N HIS A 262 -1.17 37.36 -12.05
CA HIS A 262 0.24 37.12 -12.25
C HIS A 262 0.66 37.26 -13.71
N SER A 263 -0.16 37.88 -14.55
CA SER A 263 0.24 38.15 -15.92
C SER A 263 1.22 39.33 -15.98
N ALA A 264 1.88 39.44 -17.13
CA ALA A 264 2.75 40.59 -17.35
C ALA A 264 1.99 41.90 -17.19
N GLU A 265 0.77 41.96 -17.72
CA GLU A 265 -0.06 43.16 -17.57
C GLU A 265 -0.45 43.37 -16.12
N ALA A 266 -0.87 42.31 -15.44
CA ALA A 266 -1.25 42.45 -14.03
C ALA A 266 -0.05 42.92 -13.19
N ILE A 267 1.13 42.36 -13.46
CA ILE A 267 2.33 42.77 -12.73
C ILE A 267 2.66 44.21 -13.02
N ALA A 268 2.58 44.62 -14.30
CA ALA A 268 2.93 45.98 -14.67
C ALA A 268 1.91 46.99 -14.13
N LEU A 269 0.63 46.60 -14.11
CA LEU A 269 -0.39 47.53 -13.60
C LEU A 269 -0.20 47.78 -12.11
N GLU A 270 0.13 46.74 -11.34
CA GLU A 270 0.39 46.98 -9.93
C GLU A 270 1.70 47.74 -9.74
N GLN A 271 2.66 47.50 -10.63
CA GLN A 271 3.92 48.25 -10.62
C GLN A 271 3.71 49.71 -11.03
N SER A 272 2.81 49.99 -11.96
CA SER A 272 2.54 51.39 -12.30
C SER A 272 1.78 52.07 -11.17
N ARG A 273 0.83 51.37 -10.55
CA ARG A 273 0.04 51.93 -9.46
C ARG A 273 0.95 52.39 -8.32
N LEU A 274 2.02 51.64 -8.08
CA LEU A 274 3.15 51.94 -7.21
C LEU A 274 3.43 53.43 -7.00
N ALA A 275 3.56 54.17 -8.10
CA ALA A 275 3.95 55.58 -8.06
C ALA A 275 3.03 56.43 -7.17
N THR B 1 -26.67 -33.85 16.18
CA THR B 1 -25.80 -33.55 15.05
C THR B 1 -25.56 -32.04 14.93
N ARG B 2 -24.35 -31.59 15.25
CA ARG B 2 -24.03 -30.18 15.13
C ARG B 2 -23.95 -29.78 13.66
N THR B 3 -24.51 -28.63 13.33
CA THR B 3 -24.44 -28.09 11.98
C THR B 3 -23.27 -27.12 11.88
N GLU B 4 -22.83 -26.86 10.65
CA GLU B 4 -21.78 -25.90 10.37
C GLU B 4 -22.42 -24.54 10.23
N LYS B 5 -22.01 -23.59 11.07
CA LYS B 5 -22.51 -22.22 11.01
C LYS B 5 -21.48 -21.29 10.39
N ILE B 6 -21.93 -20.40 9.52
CA ILE B 6 -21.05 -19.33 9.04
C ILE B 6 -21.07 -18.23 10.10
N ILE B 7 -19.94 -18.01 10.76
CA ILE B 7 -19.93 -17.07 11.87
C ILE B 7 -19.37 -15.69 11.52
N CYS B 8 -18.59 -15.57 10.44
CA CYS B 8 -18.11 -14.27 9.98
C CYS B 8 -18.03 -14.31 8.45
N ARG B 9 -18.53 -13.27 7.78
CA ARG B 9 -18.44 -13.26 6.33
C ARG B 9 -17.02 -12.98 5.83
N ASP B 10 -16.23 -12.22 6.60
CA ASP B 10 -14.87 -11.88 6.17
C ASP B 10 -14.06 -11.50 7.40
N VAL B 11 -13.17 -12.38 7.86
CA VAL B 11 -12.35 -12.02 9.01
C VAL B 11 -11.40 -10.89 8.66
N ALA B 12 -11.16 -10.64 7.37
CA ALA B 12 -10.25 -9.57 6.94
C ALA B 12 -10.92 -8.21 6.81
N ARG B 13 -12.24 -8.11 7.05
CA ARG B 13 -12.96 -6.84 7.06
C ARG B 13 -12.73 -6.06 5.76
N GLY B 14 -12.67 -6.78 4.64
CA GLY B 14 -12.51 -6.16 3.33
C GLY B 14 -11.11 -5.73 2.97
N TYR B 15 -10.09 -6.07 3.78
CA TYR B 15 -8.74 -5.61 3.48
C TYR B 15 -7.99 -6.50 2.49
N GLU B 16 -8.48 -7.69 2.17
CA GLU B 16 -7.83 -8.53 1.18
C GLU B 16 -8.59 -8.45 -0.14
N ASN B 17 -8.01 -9.05 -1.19
CA ASN B 17 -8.66 -9.01 -2.51
C ASN B 17 -9.95 -9.80 -2.52
N VAL B 18 -10.06 -10.80 -1.65
CA VAL B 18 -11.19 -11.71 -1.56
C VAL B 18 -11.62 -11.78 -0.11
N PRO B 19 -12.87 -12.10 0.17
CA PRO B 19 -13.29 -12.32 1.57
C PRO B 19 -12.73 -13.63 2.09
N ILE B 20 -12.55 -13.69 3.40
CA ILE B 20 -12.10 -14.91 4.07
C ILE B 20 -13.13 -15.22 5.16
N PRO B 21 -14.13 -16.05 4.85
CA PRO B 21 -15.18 -16.34 5.84
C PRO B 21 -14.68 -17.29 6.91
N CYS B 22 -15.42 -17.31 8.02
CA CYS B 22 -15.16 -18.19 9.15
C CYS B 22 -16.38 -19.07 9.41
N VAL B 23 -16.16 -20.38 9.54
CA VAL B 23 -17.25 -21.32 9.87
C VAL B 23 -16.83 -22.18 11.05
N ASN B 24 -17.83 -22.75 11.71
CA ASN B 24 -17.57 -23.64 12.84
C ASN B 24 -18.64 -24.71 12.84
N GLY B 25 -18.25 -25.95 12.57
CA GLY B 25 -19.15 -27.07 12.72
C GLY B 25 -18.72 -28.06 13.78
N VAL B 26 -17.86 -27.64 14.71
CA VAL B 26 -17.28 -28.51 15.71
C VAL B 26 -17.76 -28.18 17.12
N ASP B 27 -17.75 -26.91 17.49
CA ASP B 27 -18.07 -26.54 18.85
C ASP B 27 -18.75 -25.17 18.86
N GLY B 28 -18.91 -24.61 20.06
CA GLY B 28 -19.59 -23.34 20.25
C GLY B 28 -18.70 -22.13 20.22
N GLU B 29 -17.47 -22.25 19.77
CA GLU B 29 -16.54 -21.13 19.82
C GLU B 29 -16.93 -20.08 18.80
N PRO B 30 -17.14 -18.83 19.21
CA PRO B 30 -17.43 -17.76 18.26
C PRO B 30 -16.20 -17.34 17.49
N CYS B 31 -16.44 -16.47 16.50
CA CYS B 31 -15.37 -15.98 15.66
C CYS B 31 -14.29 -15.32 16.53
N PRO B 32 -13.02 -15.67 16.35
CA PRO B 32 -11.97 -15.10 17.21
C PRO B 32 -11.90 -13.58 17.10
N GLU B 33 -11.75 -12.92 18.24
CA GLU B 33 -11.69 -11.46 18.28
C GLU B 33 -10.60 -10.96 19.22
N ASP B 34 -9.67 -11.82 19.64
CA ASP B 34 -8.62 -11.43 20.58
C ASP B 34 -7.35 -11.02 19.86
N TYR B 35 -7.49 -10.38 18.71
CA TYR B 35 -6.38 -9.89 17.92
C TYR B 35 -6.95 -8.85 16.97
N LYS B 36 -6.07 -8.11 16.32
CA LYS B 36 -6.43 -7.12 15.31
C LYS B 36 -6.01 -7.65 13.94
N TYR B 37 -6.98 -7.83 13.03
CA TYR B 37 -6.60 -8.23 11.68
C TYR B 37 -5.94 -7.08 10.94
N ILE B 38 -4.75 -7.33 10.41
CA ILE B 38 -4.06 -6.38 9.55
C ILE B 38 -3.60 -7.12 8.30
N SER B 39 -3.65 -6.43 7.16
CA SER B 39 -3.26 -7.06 5.90
C SER B 39 -1.80 -6.85 5.53
N GLU B 40 -1.11 -5.90 6.17
CA GLU B 40 0.31 -5.63 5.97
C GLU B 40 1.00 -5.54 7.33
N ASN B 41 2.31 -5.84 7.35
CA ASN B 41 3.04 -5.82 8.62
C ASN B 41 2.94 -4.45 9.27
N CYS B 42 2.87 -4.43 10.60
CA CYS B 42 2.86 -3.19 11.37
C CYS B 42 4.11 -3.10 12.23
N GLU B 43 4.37 -1.90 12.74
CA GLU B 43 5.46 -1.63 13.67
C GLU B 43 4.87 -1.03 14.94
N THR B 44 5.44 -1.39 16.11
CA THR B 44 5.05 -0.80 17.37
C THR B 44 6.23 -0.13 18.05
N SER B 45 7.36 -0.05 17.38
CA SER B 45 8.54 0.66 17.83
C SER B 45 9.29 1.05 16.57
N THR B 46 10.32 1.85 16.73
CA THR B 46 11.09 2.32 15.58
C THR B 46 11.95 1.20 15.03
N MET B 47 11.71 0.81 13.78
CA MET B 47 12.50 -0.23 13.14
C MET B 47 13.53 0.30 12.17
N ASN B 48 13.38 1.56 11.74
CA ASN B 48 14.29 2.22 10.81
C ASN B 48 14.56 1.35 9.58
N ILE B 49 13.46 0.86 8.99
CA ILE B 49 13.57 0.14 7.72
C ILE B 49 14.08 1.09 6.65
N ASP B 50 15.03 0.62 5.84
CA ASP B 50 15.59 1.46 4.78
C ASP B 50 14.60 1.54 3.63
N ARG B 51 13.95 2.69 3.51
CA ARG B 51 12.96 2.90 2.46
C ARG B 51 13.45 3.89 1.41
N ASN B 52 14.75 4.20 1.39
CA ASN B 52 15.30 5.15 0.43
C ASN B 52 15.17 4.60 -0.99
N ILE B 53 14.40 5.29 -1.85
CA ILE B 53 14.12 4.77 -3.18
C ILE B 53 15.41 4.61 -3.99
N THR B 54 16.43 5.42 -3.70
CA THR B 54 17.67 5.31 -4.45
C THR B 54 18.50 4.11 -4.03
N HIS B 55 18.13 3.42 -2.96
CA HIS B 55 18.83 2.21 -2.55
C HIS B 55 18.24 0.96 -3.18
N LEU B 56 17.19 1.09 -3.98
CA LEU B 56 16.56 -0.07 -4.60
C LEU B 56 17.36 -0.52 -5.81
N GLN B 57 17.71 -1.80 -5.86
CA GLN B 57 18.13 -2.37 -7.13
C GLN B 57 16.91 -2.57 -8.00
N HIS B 58 17.05 -2.27 -9.29
CA HIS B 58 15.86 -2.24 -10.13
C HIS B 58 16.28 -2.54 -11.55
N CYS B 59 15.32 -3.01 -12.34
CA CYS B 59 15.57 -3.35 -13.73
C CYS B 59 15.25 -2.23 -14.70
N THR B 60 15.80 -2.37 -15.90
CA THR B 60 15.57 -1.44 -16.99
C THR B 60 14.69 -2.02 -18.09
N CYS B 61 13.93 -3.06 -17.75
CA CYS B 61 13.14 -3.76 -18.74
C CYS B 61 12.10 -2.82 -19.37
N VAL B 62 11.96 -2.96 -20.69
CA VAL B 62 10.88 -2.28 -21.40
C VAL B 62 9.84 -3.26 -21.92
N ASP B 63 9.95 -4.54 -21.54
CA ASP B 63 8.96 -5.58 -21.81
C ASP B 63 8.25 -5.92 -20.50
N ASP B 64 7.78 -7.17 -20.37
CA ASP B 64 7.06 -7.62 -19.19
C ASP B 64 7.96 -8.33 -18.18
N CYS B 65 9.27 -8.14 -18.28
CA CYS B 65 10.26 -8.75 -17.39
C CYS B 65 10.25 -10.28 -17.47
N SER B 66 9.97 -10.83 -18.64
CA SER B 66 10.11 -12.26 -18.87
C SER B 66 11.44 -12.64 -19.49
N SER B 67 12.29 -11.66 -19.79
CA SER B 67 13.60 -11.93 -20.38
C SER B 67 14.64 -12.18 -19.29
N SER B 68 15.73 -12.86 -19.68
CA SER B 68 16.83 -13.15 -18.77
C SER B 68 17.65 -11.93 -18.39
N ASN B 69 17.43 -10.79 -19.03
CA ASN B 69 18.16 -9.56 -18.72
C ASN B 69 17.49 -8.72 -17.65
N CYS B 70 16.39 -9.17 -17.06
CA CYS B 70 15.77 -8.46 -15.95
C CYS B 70 16.67 -8.55 -14.71
N LEU B 71 17.17 -7.39 -14.26
CA LEU B 71 18.07 -7.38 -13.11
C LEU B 71 17.41 -8.01 -11.90
N CYS B 72 16.13 -7.72 -11.68
CA CYS B 72 15.43 -8.22 -10.49
C CYS B 72 15.36 -9.74 -10.49
N GLY B 73 15.12 -10.34 -11.67
CA GLY B 73 15.19 -11.78 -11.77
C GLY B 73 16.59 -12.31 -11.51
N GLN B 74 17.61 -11.60 -12.00
CA GLN B 74 18.99 -12.02 -11.77
C GLN B 74 19.34 -11.99 -10.30
N LEU B 75 18.80 -11.01 -9.56
CA LEU B 75 19.00 -10.96 -8.13
C LEU B 75 18.43 -12.19 -7.44
N SER B 76 17.37 -12.75 -8.04
CA SER B 76 16.70 -13.94 -7.58
C SER B 76 17.27 -15.19 -8.25
N ILE B 77 18.51 -15.12 -8.75
CA ILE B 77 19.15 -16.10 -9.62
C ILE B 77 18.50 -16.06 -11.00
N ARG B 78 17.18 -16.22 -11.02
CA ARG B 78 16.33 -16.06 -12.19
C ARG B 78 14.94 -15.75 -11.67
N CYS B 79 14.10 -15.14 -12.51
CA CYS B 79 12.69 -15.04 -12.10
C CYS B 79 12.10 -16.44 -12.01
N TRP B 80 11.52 -16.75 -10.85
CA TRP B 80 11.01 -18.09 -10.61
C TRP B 80 9.52 -18.24 -10.91
N TYR B 81 8.87 -17.19 -11.41
CA TYR B 81 7.44 -17.24 -11.71
C TYR B 81 7.21 -17.58 -13.17
N ASP B 82 6.27 -18.49 -13.42
CA ASP B 82 5.87 -18.79 -14.79
C ASP B 82 4.88 -17.74 -15.28
N LYS B 83 4.35 -17.90 -16.50
CA LYS B 83 3.39 -16.93 -17.04
C LYS B 83 2.13 -16.78 -16.18
N ASP B 84 1.78 -17.80 -15.39
CA ASP B 84 0.58 -17.73 -14.56
C ASP B 84 0.89 -17.34 -13.13
N GLY B 85 2.12 -16.90 -12.85
CA GLY B 85 2.50 -16.47 -11.53
C GLY B 85 2.83 -17.57 -10.55
N ARG B 86 3.09 -18.79 -11.02
CA ARG B 86 3.42 -19.89 -10.12
C ARG B 86 4.91 -20.23 -10.21
N LEU B 87 5.44 -20.70 -9.09
CA LEU B 87 6.85 -21.06 -9.05
C LEU B 87 7.15 -22.18 -10.04
N LEU B 88 8.30 -22.08 -10.68
CA LEU B 88 8.76 -23.13 -11.58
C LEU B 88 8.89 -24.46 -10.84
N GLN B 89 8.77 -25.56 -11.59
CA GLN B 89 8.84 -26.87 -10.97
C GLN B 89 10.20 -27.12 -10.35
N GLU B 90 11.26 -26.57 -10.93
CA GLU B 90 12.60 -26.73 -10.38
C GLU B 90 12.92 -25.79 -9.23
N PHE B 91 11.95 -25.00 -8.76
CA PHE B 91 12.18 -24.14 -7.61
C PHE B 91 12.65 -24.97 -6.42
N ASN B 92 13.70 -24.49 -5.74
CA ASN B 92 14.26 -25.18 -4.59
C ASN B 92 13.32 -25.00 -3.41
N LYS B 93 12.50 -26.02 -3.17
CA LYS B 93 11.56 -26.04 -2.05
C LYS B 93 12.24 -26.34 -0.72
N ILE B 94 13.40 -27.00 -0.75
CA ILE B 94 14.13 -27.29 0.49
C ILE B 94 14.72 -26.01 1.08
N GLU B 95 15.56 -25.30 0.30
CA GLU B 95 16.14 -24.02 0.73
C GLU B 95 15.82 -22.97 -0.33
N PRO B 96 14.68 -22.30 -0.21
CA PRO B 96 14.27 -21.35 -1.24
C PRO B 96 15.24 -20.17 -1.34
N PRO B 97 15.46 -19.64 -2.53
CA PRO B 97 16.26 -18.41 -2.65
C PRO B 97 15.45 -17.21 -2.21
N LEU B 98 16.16 -16.10 -2.00
CA LEU B 98 15.48 -14.82 -1.81
C LEU B 98 14.88 -14.37 -3.14
N ILE B 99 13.63 -13.94 -3.11
CA ILE B 99 12.95 -13.42 -4.31
C ILE B 99 12.92 -11.90 -4.25
N PHE B 100 13.38 -11.25 -5.34
CA PHE B 100 13.31 -9.80 -5.46
C PHE B 100 12.28 -9.50 -6.55
N GLU B 101 11.10 -9.05 -6.13
CA GLU B 101 10.10 -8.65 -7.10
C GLU B 101 10.42 -7.25 -7.60
N CYS B 102 9.80 -6.90 -8.72
CA CYS B 102 9.99 -5.57 -9.26
C CYS B 102 9.34 -4.53 -8.34
N ASN B 103 9.77 -3.29 -8.48
CA ASN B 103 9.41 -2.27 -7.51
C ASN B 103 9.20 -0.94 -8.23
N GLN B 104 8.94 0.10 -7.43
CA GLN B 104 8.61 1.42 -7.94
C GLN B 104 9.77 2.11 -8.66
N ALA B 105 11.00 1.61 -8.51
CA ALA B 105 12.13 2.15 -9.26
C ALA B 105 12.36 1.46 -10.60
N CYS B 106 11.77 0.29 -10.83
CA CYS B 106 11.92 -0.38 -12.12
C CYS B 106 11.21 0.42 -13.21
N SER B 107 11.70 0.26 -14.43
CA SER B 107 11.10 0.95 -15.56
C SER B 107 9.89 0.21 -16.11
N CYS B 108 9.63 -1.01 -15.62
CA CYS B 108 8.56 -1.83 -16.14
C CYS B 108 7.20 -1.37 -15.59
N TRP B 109 6.14 -1.97 -16.12
CA TRP B 109 4.78 -1.66 -15.71
C TRP B 109 4.37 -2.50 -14.50
N ARG B 110 3.33 -2.01 -13.81
CA ARG B 110 2.85 -2.66 -12.59
C ARG B 110 2.32 -4.07 -12.85
N ASN B 111 2.04 -4.41 -14.11
CA ASN B 111 1.52 -5.74 -14.45
C ASN B 111 2.60 -6.66 -15.00
N CYS B 112 3.88 -6.39 -14.72
CA CYS B 112 4.92 -7.26 -15.25
C CYS B 112 4.86 -8.62 -14.55
N LYS B 113 5.66 -9.56 -15.06
CA LYS B 113 5.58 -10.95 -14.61
C LYS B 113 6.28 -11.19 -13.28
N ASN B 114 6.91 -10.17 -12.70
CA ASN B 114 7.67 -10.36 -11.47
C ASN B 114 7.02 -9.58 -10.32
N ARG B 115 5.71 -9.74 -10.11
CA ARG B 115 5.01 -9.00 -9.05
C ARG B 115 3.93 -9.84 -8.37
N VAL B 116 4.18 -11.13 -8.18
CA VAL B 116 3.13 -12.04 -7.69
C VAL B 116 2.73 -11.71 -6.25
N VAL B 117 3.70 -11.68 -5.33
CA VAL B 117 3.35 -11.53 -3.91
C VAL B 117 2.79 -10.14 -3.66
N GLN B 118 3.31 -9.12 -4.34
CA GLN B 118 2.80 -7.79 -4.06
C GLN B 118 1.37 -7.61 -4.55
N SER B 119 0.85 -8.51 -5.36
CA SER B 119 -0.52 -8.40 -5.84
C SER B 119 -1.54 -9.04 -4.90
N GLY B 120 -1.12 -9.73 -3.85
CA GLY B 120 -2.03 -10.15 -2.80
C GLY B 120 -2.69 -11.49 -3.03
N ILE B 121 -3.66 -11.78 -2.15
CA ILE B 121 -4.29 -13.09 -2.11
C ILE B 121 -5.23 -13.25 -3.30
N LYS B 122 -5.13 -14.38 -3.97
CA LYS B 122 -6.04 -14.70 -5.07
C LYS B 122 -6.82 -15.99 -4.84
N VAL B 123 -6.29 -16.93 -4.07
CA VAL B 123 -6.98 -18.20 -3.84
C VAL B 123 -8.07 -17.97 -2.79
N ARG B 124 -9.11 -18.80 -2.85
CA ARG B 124 -10.20 -18.75 -1.89
C ARG B 124 -9.90 -19.65 -0.71
N LEU B 125 -9.80 -19.03 0.47
CA LEU B 125 -9.49 -19.67 1.74
C LEU B 125 -10.66 -19.51 2.70
N GLN B 126 -10.65 -20.34 3.75
CA GLN B 126 -11.69 -20.26 4.77
C GLN B 126 -11.08 -20.56 6.13
N LEU B 127 -11.41 -19.73 7.11
CA LEU B 127 -11.08 -20.02 8.51
C LEU B 127 -12.15 -20.97 9.05
N TYR B 128 -11.72 -22.08 9.63
CA TYR B 128 -12.70 -23.07 10.10
C TYR B 128 -12.22 -23.71 11.40
N ARG B 129 -13.17 -24.29 12.13
CA ARG B 129 -12.84 -24.92 13.41
C ARG B 129 -12.40 -26.35 13.15
N THR B 130 -11.17 -26.68 13.53
CA THR B 130 -10.66 -28.02 13.34
C THR B 130 -11.12 -28.93 14.48
N ALA B 131 -10.91 -30.23 14.30
CA ALA B 131 -11.33 -31.20 15.31
C ALA B 131 -10.46 -31.13 16.56
N LYS B 132 -9.15 -30.89 16.39
CA LYS B 132 -8.20 -31.04 17.49
C LYS B 132 -7.20 -29.92 17.63
N MET B 133 -7.13 -28.97 16.68
CA MET B 133 -6.07 -27.96 16.67
C MET B 133 -6.62 -26.54 16.77
N GLY B 134 -7.83 -26.36 17.30
CA GLY B 134 -8.38 -25.01 17.35
C GLY B 134 -8.81 -24.56 15.97
N TRP B 135 -8.58 -23.28 15.67
CA TRP B 135 -8.90 -22.77 14.35
C TRP B 135 -7.82 -23.19 13.36
N GLY B 136 -8.22 -23.35 12.09
CA GLY B 136 -7.30 -23.63 11.01
C GLY B 136 -7.77 -22.95 9.74
N VAL B 137 -6.96 -23.06 8.69
CA VAL B 137 -7.26 -22.44 7.40
C VAL B 137 -7.25 -23.53 6.34
N ARG B 138 -8.31 -23.55 5.51
CA ARG B 138 -8.38 -24.56 4.45
C ARG B 138 -8.74 -23.91 3.13
N ALA B 139 -8.45 -24.65 2.06
CA ALA B 139 -8.73 -24.19 0.71
C ALA B 139 -10.18 -24.46 0.32
N LEU B 140 -10.79 -23.52 -0.38
CA LEU B 140 -12.12 -23.71 -0.93
C LEU B 140 -12.07 -24.07 -2.42
N GLN B 141 -10.88 -24.41 -2.93
CA GLN B 141 -10.65 -24.66 -4.34
C GLN B 141 -9.37 -25.47 -4.48
N THR B 142 -9.21 -26.11 -5.63
CA THR B 142 -7.94 -26.73 -5.93
C THR B 142 -6.88 -25.66 -6.14
N ILE B 143 -5.69 -25.90 -5.61
CA ILE B 143 -4.58 -24.95 -5.73
C ILE B 143 -3.38 -25.69 -6.31
N PRO B 144 -2.96 -25.36 -7.53
CA PRO B 144 -1.81 -26.04 -8.12
C PRO B 144 -0.53 -25.75 -7.34
N GLN B 145 0.42 -26.67 -7.44
CA GLN B 145 1.73 -26.46 -6.82
C GLN B 145 2.37 -25.16 -7.33
N GLY B 146 3.05 -24.47 -6.42
CA GLY B 146 3.77 -23.25 -6.76
C GLY B 146 2.94 -21.98 -6.70
N THR B 147 1.70 -22.05 -6.23
CA THR B 147 0.81 -20.90 -6.19
C THR B 147 1.03 -20.09 -4.93
N PHE B 148 1.07 -18.77 -5.07
CA PHE B 148 1.12 -17.91 -3.90
C PHE B 148 -0.19 -18.01 -3.13
N ILE B 149 -0.10 -18.24 -1.81
CA ILE B 149 -1.29 -18.40 -0.98
C ILE B 149 -1.55 -17.12 -0.19
N CYS B 150 -0.63 -16.77 0.69
CA CYS B 150 -0.80 -15.62 1.56
C CYS B 150 0.55 -15.32 2.20
N GLU B 151 0.66 -14.14 2.79
CA GLU B 151 1.86 -13.68 3.46
C GLU B 151 1.71 -13.88 4.98
N TYR B 152 2.82 -14.17 5.64
CA TYR B 152 2.80 -14.21 7.12
C TYR B 152 2.93 -12.78 7.59
N VAL B 153 1.82 -12.20 8.06
CA VAL B 153 1.74 -10.79 8.41
C VAL B 153 1.57 -10.64 9.92
N GLY B 154 2.27 -9.67 10.50
CA GLY B 154 2.11 -9.41 11.92
C GLY B 154 2.88 -8.19 12.36
N GLU B 155 3.27 -8.17 13.63
CA GLU B 155 3.99 -7.07 14.24
C GLU B 155 5.49 -7.34 14.15
N LEU B 156 6.24 -6.46 13.49
CA LEU B 156 7.68 -6.62 13.44
C LEU B 156 8.29 -6.25 14.80
N ILE B 157 9.09 -7.15 15.37
CA ILE B 157 9.74 -6.92 16.65
C ILE B 157 11.18 -7.40 16.59
N SER B 158 12.01 -6.80 17.45
CA SER B 158 13.39 -7.21 17.62
C SER B 158 13.46 -8.54 18.37
N ASP B 159 14.61 -9.22 18.26
CA ASP B 159 14.78 -10.44 19.03
C ASP B 159 14.76 -10.17 20.53
N ALA B 160 15.28 -9.02 20.98
CA ALA B 160 15.22 -8.68 22.40
C ALA B 160 13.78 -8.53 22.87
N GLU B 161 12.93 -7.96 22.01
CA GLU B 161 11.51 -7.85 22.35
C GLU B 161 10.85 -9.22 22.37
N ALA B 162 11.12 -10.05 21.36
CA ALA B 162 10.59 -11.42 21.37
C ALA B 162 11.02 -12.16 22.62
N ASP B 163 12.22 -11.86 23.13
CA ASP B 163 12.75 -12.54 24.30
C ASP B 163 11.93 -12.28 25.56
N VAL B 164 11.13 -11.21 25.58
CA VAL B 164 10.30 -10.89 26.74
C VAL B 164 8.81 -11.06 26.44
N ARG B 165 8.46 -11.56 25.25
CA ARG B 165 7.07 -11.81 24.92
C ARG B 165 6.60 -13.07 25.64
N GLU B 166 5.48 -12.97 26.36
CA GLU B 166 5.01 -14.12 27.11
C GLU B 166 4.36 -15.17 26.21
N ASP B 167 3.53 -14.75 25.26
CA ASP B 167 2.85 -15.67 24.35
C ASP B 167 3.67 -15.75 23.07
N ASP B 168 4.38 -16.87 22.89
CA ASP B 168 5.21 -17.07 21.70
C ASP B 168 4.61 -18.08 20.74
N SER B 169 3.28 -18.23 20.77
CA SER B 169 2.58 -19.19 19.91
C SER B 169 2.40 -18.70 18.48
N TYR B 170 2.60 -17.42 18.22
CA TYR B 170 2.38 -16.82 16.90
C TYR B 170 3.61 -16.04 16.46
N LEU B 171 4.77 -16.68 16.51
CA LEU B 171 6.04 -16.03 16.18
C LEU B 171 6.65 -16.70 14.96
N PHE B 172 7.16 -15.88 14.03
CA PHE B 172 7.92 -16.36 12.89
C PHE B 172 9.27 -15.64 12.89
N ASP B 173 10.36 -16.41 13.04
CA ASP B 173 11.70 -15.83 13.12
C ASP B 173 12.20 -15.37 11.76
N LEU B 174 12.72 -14.14 11.70
CA LEU B 174 13.43 -13.63 10.52
C LEU B 174 14.93 -13.67 10.79
N ASP B 175 15.52 -14.86 10.66
CA ASP B 175 16.98 -14.97 10.82
C ASP B 175 17.74 -14.12 9.79
N GLU B 180 21.94 -8.46 13.80
CA GLU B 180 20.62 -8.12 14.33
C GLU B 180 19.53 -8.92 13.61
N VAL B 181 18.73 -9.64 14.40
CA VAL B 181 17.68 -10.49 13.86
C VAL B 181 16.33 -10.02 14.37
N TYR B 182 15.31 -10.23 13.55
CA TYR B 182 13.97 -9.76 13.86
C TYR B 182 12.98 -10.90 13.77
N CYS B 183 11.76 -10.61 14.19
CA CYS B 183 10.70 -11.60 14.31
C CYS B 183 9.39 -10.96 13.89
N ILE B 184 8.46 -11.75 13.36
CA ILE B 184 7.08 -11.33 13.15
C ILE B 184 6.21 -11.97 14.23
N ASP B 185 5.58 -11.14 15.06
CA ASP B 185 4.67 -11.61 16.11
C ASP B 185 3.25 -11.36 15.64
N ALA B 186 2.50 -12.43 15.36
CA ALA B 186 1.12 -12.30 14.91
C ALA B 186 0.11 -12.50 16.04
N ARG B 187 0.56 -12.45 17.30
CA ARG B 187 -0.37 -12.70 18.41
C ARG B 187 -1.39 -11.58 18.54
N TYR B 188 -0.95 -10.33 18.49
CA TYR B 188 -1.82 -9.19 18.73
C TYR B 188 -2.30 -8.52 17.45
N TYR B 189 -1.45 -8.53 16.42
CA TYR B 189 -1.75 -8.01 15.09
C TYR B 189 -1.35 -9.08 14.09
N GLY B 190 -2.29 -9.49 13.22
CA GLY B 190 -1.90 -10.50 12.25
C GLY B 190 -2.94 -10.62 11.16
N ASN B 191 -2.59 -11.38 10.11
CA ASN B 191 -3.55 -11.67 9.07
C ASN B 191 -3.97 -13.15 9.14
N ILE B 192 -4.53 -13.66 8.04
CA ILE B 192 -5.07 -15.02 8.03
C ILE B 192 -4.00 -16.05 8.35
N SER B 193 -2.74 -15.74 8.06
CA SER B 193 -1.68 -16.71 8.30
C SER B 193 -1.50 -17.07 9.77
N ARG B 194 -1.94 -16.19 10.68
CA ARG B 194 -1.80 -16.49 12.10
C ARG B 194 -2.62 -17.70 12.49
N PHE B 195 -3.57 -18.10 11.66
CA PHE B 195 -4.43 -19.23 11.97
C PHE B 195 -3.98 -20.52 11.30
N ILE B 196 -2.89 -20.48 10.53
CA ILE B 196 -2.41 -21.68 9.86
C ILE B 196 -1.68 -22.59 10.86
N ASN B 197 -2.08 -23.85 10.92
CA ASN B 197 -1.53 -24.79 11.88
C ASN B 197 -0.25 -25.45 11.34
N HIS B 198 0.43 -26.15 12.23
CA HIS B 198 1.62 -26.90 11.87
C HIS B 198 1.24 -28.25 11.28
N LEU B 199 1.89 -28.62 10.20
CA LEU B 199 1.76 -29.97 9.64
C LEU B 199 3.15 -30.55 9.50
N CYS B 200 3.34 -31.79 9.96
CA CYS B 200 4.63 -32.45 9.78
C CYS B 200 4.87 -32.84 8.32
N ASP B 201 3.80 -32.97 7.54
CA ASP B 201 3.86 -33.15 6.09
C ASP B 201 3.23 -31.91 5.45
N PRO B 202 3.95 -30.79 5.42
CA PRO B 202 3.31 -29.52 5.06
C PRO B 202 2.98 -29.44 3.58
N ASN B 203 2.04 -28.54 3.26
CA ASN B 203 1.70 -28.30 1.87
C ASN B 203 1.98 -26.88 1.43
N ILE B 204 2.50 -26.02 2.31
CA ILE B 204 2.98 -24.70 1.92
C ILE B 204 4.38 -24.50 2.49
N ILE B 205 5.16 -23.65 1.81
CA ILE B 205 6.51 -23.34 2.27
C ILE B 205 6.66 -21.81 2.34
N PRO B 206 7.37 -21.30 3.35
CA PRO B 206 7.65 -19.86 3.40
C PRO B 206 8.85 -19.51 2.53
N VAL B 207 8.71 -18.38 1.82
CA VAL B 207 9.74 -17.86 0.94
C VAL B 207 9.98 -16.40 1.31
N ARG B 208 11.26 -16.00 1.36
CA ARG B 208 11.60 -14.63 1.69
C ARG B 208 11.53 -13.77 0.42
N VAL B 209 10.80 -12.67 0.50
CA VAL B 209 10.53 -11.84 -0.68
C VAL B 209 10.78 -10.38 -0.36
N PHE B 210 11.29 -9.64 -1.35
CA PHE B 210 11.46 -8.20 -1.24
C PHE B 210 10.64 -7.52 -2.32
N MET B 211 9.94 -6.45 -1.94
CA MET B 211 9.05 -5.74 -2.84
C MET B 211 9.35 -4.25 -2.81
N LEU B 212 8.68 -3.48 -1.94
CA LEU B 212 8.82 -2.02 -1.97
C LEU B 212 10.12 -1.52 -1.35
N HIS B 213 10.81 -2.35 -0.55
CA HIS B 213 12.12 -2.03 -0.01
C HIS B 213 13.00 -3.27 -0.14
N GLN B 214 14.31 -3.09 0.00
CA GLN B 214 15.21 -4.23 -0.03
C GLN B 214 16.11 -4.23 1.20
N ASP B 215 15.52 -3.87 2.34
CA ASP B 215 16.23 -3.96 3.63
C ASP B 215 16.28 -5.43 4.03
N LEU B 216 17.46 -6.06 3.90
CA LEU B 216 17.56 -7.51 4.09
C LEU B 216 17.27 -7.97 5.51
N ARG B 217 17.22 -7.06 6.49
CA ARG B 217 16.78 -7.44 7.83
C ARG B 217 15.31 -7.80 7.88
N PHE B 218 14.53 -7.33 6.90
CA PHE B 218 13.07 -7.40 6.94
C PHE B 218 12.51 -8.04 5.68
N PRO B 219 12.85 -9.30 5.43
CA PRO B 219 12.16 -10.03 4.36
C PRO B 219 10.69 -10.13 4.72
N ARG B 220 9.85 -10.19 3.70
CA ARG B 220 8.44 -10.51 3.89
C ARG B 220 8.27 -11.99 3.57
N ILE B 221 7.41 -12.66 4.34
CA ILE B 221 7.33 -14.10 4.31
C ILE B 221 6.11 -14.50 3.48
N ALA B 222 6.35 -15.09 2.32
CA ALA B 222 5.29 -15.48 1.39
C ALA B 222 5.14 -17.00 1.41
N PHE B 223 3.91 -17.47 1.60
CA PHE B 223 3.63 -18.90 1.53
C PHE B 223 3.21 -19.27 0.13
N PHE B 224 3.91 -20.24 -0.45
CA PHE B 224 3.55 -20.86 -1.72
C PHE B 224 3.22 -22.32 -1.47
N SER B 225 2.27 -22.86 -2.24
CA SER B 225 1.98 -24.28 -2.13
C SER B 225 3.19 -25.09 -2.61
N SER B 226 3.53 -26.15 -1.84
CA SER B 226 4.65 -27.01 -2.19
C SER B 226 4.23 -28.20 -3.03
N ARG B 227 2.93 -28.40 -3.20
CA ARG B 227 2.37 -29.48 -3.99
C ARG B 227 0.95 -29.05 -4.37
N ASP B 228 0.32 -29.84 -5.23
CA ASP B 228 -1.10 -29.62 -5.52
C ASP B 228 -1.90 -29.79 -4.24
N ILE B 229 -2.79 -28.85 -3.97
CA ILE B 229 -3.64 -28.86 -2.79
C ILE B 229 -5.08 -29.11 -3.24
N ARG B 230 -5.76 -30.07 -2.61
CA ARG B 230 -7.12 -30.39 -3.01
C ARG B 230 -8.11 -29.46 -2.32
N THR B 231 -9.29 -29.31 -2.93
CA THR B 231 -10.37 -28.57 -2.28
C THR B 231 -10.66 -29.12 -0.90
N GLY B 232 -10.80 -28.22 0.08
CA GLY B 232 -11.11 -28.61 1.44
C GLY B 232 -9.91 -28.97 2.29
N GLU B 233 -8.73 -29.07 1.68
CA GLU B 233 -7.56 -29.49 2.45
C GLU B 233 -7.06 -28.37 3.35
N GLU B 234 -6.72 -28.74 4.59
CA GLU B 234 -6.16 -27.77 5.53
C GLU B 234 -4.74 -27.39 5.10
N LEU B 235 -4.46 -26.09 5.11
CA LEU B 235 -3.10 -25.60 4.90
C LEU B 235 -2.25 -25.76 6.15
N GLY B 236 -0.96 -26.04 5.94
CA GLY B 236 -0.04 -26.08 7.06
C GLY B 236 1.39 -25.99 6.60
N PHE B 237 2.22 -25.35 7.43
CA PHE B 237 3.66 -25.31 7.19
C PHE B 237 4.38 -25.91 8.38
N ASP B 238 5.68 -26.15 8.20
CA ASP B 238 6.50 -26.71 9.27
C ASP B 238 6.94 -25.56 10.17
N TYR B 239 6.41 -25.51 11.38
CA TYR B 239 6.78 -24.46 12.33
C TYR B 239 8.26 -24.52 12.70
N GLY B 240 8.89 -25.68 12.59
CA GLY B 240 10.30 -25.80 12.88
C GLY B 240 10.57 -26.27 14.29
N ASP B 241 11.84 -26.58 14.53
CA ASP B 241 12.23 -27.22 15.78
C ASP B 241 12.27 -26.24 16.94
N ARG B 242 12.53 -24.96 16.70
CA ARG B 242 12.50 -23.99 17.79
C ARG B 242 11.13 -23.95 18.45
N PHE B 243 10.07 -23.95 17.64
CA PHE B 243 8.71 -23.98 18.18
C PHE B 243 8.48 -25.23 19.01
N TRP B 244 8.78 -26.40 18.45
CA TRP B 244 8.42 -27.66 19.10
C TRP B 244 9.37 -28.01 20.25
N ASP B 245 10.61 -27.53 20.22
CA ASP B 245 11.46 -27.71 21.39
C ASP B 245 10.85 -27.04 22.61
N ILE B 246 10.16 -25.92 22.41
CA ILE B 246 9.55 -25.19 23.51
C ILE B 246 8.18 -25.76 23.85
N LYS B 247 7.36 -26.05 22.83
CA LYS B 247 5.95 -26.35 23.06
C LYS B 247 5.68 -27.82 23.36
N SER B 248 6.61 -28.72 23.03
CA SER B 248 6.37 -30.14 23.28
C SER B 248 6.09 -30.41 24.75
N LYS B 249 6.62 -29.57 25.66
CA LYS B 249 6.34 -29.71 27.08
C LYS B 249 4.86 -29.54 27.39
N TYR B 250 4.15 -28.72 26.61
CA TYR B 250 2.77 -28.33 26.91
C TYR B 250 1.73 -29.06 26.07
N PHE B 251 2.04 -29.38 24.82
CA PHE B 251 1.12 -30.15 24.00
C PHE B 251 1.91 -30.86 22.92
N THR B 252 1.28 -31.84 22.28
CA THR B 252 1.89 -32.60 21.22
C THR B 252 1.12 -32.43 19.92
N CYS B 253 1.78 -32.80 18.83
CA CYS B 253 1.24 -32.58 17.49
C CYS B 253 0.04 -33.47 17.21
N GLN B 254 -1.00 -32.89 16.61
CA GLN B 254 -2.20 -33.61 16.24
C GLN B 254 -2.41 -33.65 14.73
N CYS B 255 -1.35 -33.47 13.94
CA CYS B 255 -1.50 -33.41 12.49
C CYS B 255 -1.99 -34.74 11.94
N GLY B 256 -1.71 -35.85 12.62
CA GLY B 256 -2.22 -37.14 12.23
C GLY B 256 -1.46 -37.82 11.11
N SER B 257 -0.39 -37.22 10.60
CA SER B 257 0.36 -37.86 9.53
C SER B 257 1.16 -39.03 10.07
N GLU B 258 1.37 -40.03 9.22
CA GLU B 258 2.26 -41.13 9.59
C GLU B 258 3.70 -40.66 9.68
N LYS B 259 4.01 -39.51 9.06
CA LYS B 259 5.33 -38.92 9.15
C LYS B 259 5.48 -37.98 10.34
N CYS B 260 4.50 -37.95 11.25
CA CYS B 260 4.50 -36.93 12.30
C CYS B 260 5.67 -37.19 13.25
N LYS B 261 6.48 -36.16 13.45
CA LYS B 261 7.65 -36.24 14.32
C LYS B 261 7.46 -35.51 15.65
N HIS B 262 6.25 -35.01 15.94
CA HIS B 262 6.03 -34.25 17.17
C HIS B 262 4.82 -34.74 17.95
N SER B 263 4.27 -35.89 17.62
CA SER B 263 3.16 -36.47 18.36
C SER B 263 3.64 -37.03 19.69
N ALA B 264 2.67 -37.31 20.57
CA ALA B 264 2.99 -37.99 21.83
C ALA B 264 3.70 -39.32 21.55
N GLU B 265 3.21 -40.06 20.55
CA GLU B 265 3.85 -41.34 20.22
C GLU B 265 5.26 -41.13 19.71
N ALA B 266 5.44 -40.19 18.77
CA ALA B 266 6.78 -39.96 18.21
C ALA B 266 7.75 -39.52 19.28
N ILE B 267 7.31 -38.63 20.17
CA ILE B 267 8.19 -38.20 21.25
C ILE B 267 8.55 -39.37 22.16
N ALA B 268 7.56 -40.22 22.47
CA ALA B 268 7.82 -41.35 23.38
C ALA B 268 8.76 -42.37 22.76
N LEU B 269 8.66 -42.59 21.45
CA LEU B 269 9.55 -43.53 20.77
C LEU B 269 11.00 -43.03 20.78
N GLU B 270 11.20 -41.73 20.60
CA GLU B 270 12.56 -41.19 20.59
C GLU B 270 13.19 -41.24 21.99
N GLN B 271 12.39 -41.03 23.04
CA GLN B 271 12.90 -41.18 24.40
C GLN B 271 13.17 -42.64 24.76
N SER B 272 12.31 -43.55 24.30
CA SER B 272 12.55 -44.97 24.57
C SER B 272 13.80 -45.44 23.85
N ARG B 273 14.02 -44.96 22.63
CA ARG B 273 15.21 -45.32 21.87
C ARG B 273 16.50 -44.92 22.57
N LEU B 274 16.55 -43.72 23.15
CA LEU B 274 17.71 -43.34 23.95
C LEU B 274 18.00 -44.35 25.06
N ALA B 275 16.97 -44.74 25.79
CA ALA B 275 17.11 -45.67 26.92
C ALA B 275 17.77 -46.98 26.50
#